data_2AR6
#
_entry.id   2AR6
#
_cell.length_a   56.714
_cell.length_b   83.592
_cell.length_c   122.367
_cell.angle_alpha   90.00
_cell.angle_beta   90.00
_cell.angle_gamma   90.00
#
_symmetry.space_group_name_H-M   'P 21 21 21'
#
loop_
_entity.id
_entity.type
_entity.pdbx_description
1 polymer lectin
2 branched 2-acetamido-2-deoxy-beta-D-glucopyranose-(1-2)-alpha-D-mannopyranose
3 branched 2-acetamido-2-deoxy-beta-D-glucopyranose-(1-2)-alpha-D-mannopyranose-(1-3)-[2-acetamido-2-deoxy-beta-D-glucopyranose-(1-2)-alpha-D-mannopyranose-(1-6)]alpha-D-mannopyranose
4 non-polymer 'MANGANESE (II) ION'
5 non-polymer 'CALCIUM ION'
6 water water
#
_entity_poly.entity_id   1
_entity_poly.type   'polypeptide(L)'
_entity_poly.pdbx_seq_one_letter_code
;QDSLSFGFPTFPSDQKNLIFQGDAQIKNNAVQLTKTDSNGNPVASTVGRILFSAQVHLWEKSSSRVANFQSQFSFSLKSP
LSNGADGIAFFIAPPDTTIPSGSGGGLLGLFAPGTAQNTSANQVIAVEFDTFYAQDSNTWDPNYPHIGIDVNSIRSVKTV
KWDRRDGQSLNVLVTFNPSTRNLDVVATYSDGTRYEVSYEVDVRSVLPEWVRVGFSAASGEQYQTHTLESWSFTSTLLYT
AQKKGENLALEM
;
_entity_poly.pdbx_strand_id   A,B
#
loop_
_chem_comp.id
_chem_comp.type
_chem_comp.name
_chem_comp.formula
CA non-polymer 'CALCIUM ION' 'Ca 2'
MAN D-saccharide, alpha linking alpha-D-mannopyranose 'C6 H12 O6'
MN non-polymer 'MANGANESE (II) ION' 'Mn 2'
NAG D-saccharide, beta linking 2-acetamido-2-deoxy-beta-D-glucopyranose 'C8 H15 N O6'
#
# COMPACT_ATOMS: atom_id res chain seq x y z
CA GLN A 1 -4.33 -8.11 -0.72
C GLN A 1 -3.78 -9.08 0.33
N ASP A 2 -3.35 -10.25 -0.14
CA ASP A 2 -2.77 -11.25 0.75
C ASP A 2 -1.36 -10.79 1.12
N SER A 3 -0.73 -10.04 0.23
CA SER A 3 0.63 -9.55 0.50
CA SER A 3 0.63 -9.55 0.47
C SER A 3 0.71 -8.06 0.24
N LEU A 4 1.54 -7.38 1.04
CA LEU A 4 1.71 -5.94 0.91
C LEU A 4 3.12 -5.58 1.36
N SER A 5 3.77 -4.70 0.61
CA SER A 5 5.11 -4.25 1.02
CA SER A 5 5.13 -4.26 0.97
C SER A 5 5.32 -2.81 0.57
N PHE A 6 6.11 -2.07 1.33
CA PHE A 6 6.40 -0.69 0.97
C PHE A 6 7.73 -0.30 1.60
N GLY A 7 8.45 0.61 0.95
CA GLY A 7 9.74 1.00 1.49
C GLY A 7 9.98 2.50 1.38
N PHE A 8 10.39 3.09 2.50
CA PHE A 8 10.71 4.52 2.58
C PHE A 8 12.19 4.62 2.97
N PRO A 9 13.10 4.73 1.98
CA PRO A 9 14.52 4.84 2.34
C PRO A 9 14.78 6.19 3.04
N THR A 10 13.93 7.16 2.72
CA THR A 10 13.96 8.50 3.30
C THR A 10 12.52 8.98 3.24
N PHE A 11 12.25 10.16 3.80
CA PHE A 11 10.91 10.71 3.78
C PHE A 11 10.82 12.10 3.16
N PRO A 12 10.71 12.19 1.83
CA PRO A 12 10.60 13.50 1.19
C PRO A 12 9.32 14.20 1.65
N SER A 13 9.30 15.52 1.56
CA SER A 13 8.15 16.32 2.01
C SER A 13 6.84 16.00 1.32
N ASP A 14 6.92 15.55 0.07
CA ASP A 14 5.76 15.23 -0.74
C ASP A 14 5.16 13.83 -0.46
N GLN A 15 4.50 13.68 0.69
CA GLN A 15 3.90 12.40 1.06
C GLN A 15 2.42 12.30 0.74
N LYS A 16 1.98 11.13 0.30
CA LYS A 16 0.57 10.93 -0.03
C LYS A 16 -0.08 9.79 0.75
N ASN A 17 0.71 8.80 1.16
CA ASN A 17 0.17 7.62 1.86
C ASN A 17 0.41 7.53 3.34
N LEU A 18 0.72 8.66 3.98
CA LEU A 18 0.93 8.66 5.42
C LEU A 18 -0.15 9.48 6.11
N ILE A 19 -0.66 8.93 7.20
CA ILE A 19 -1.66 9.62 8.01
C ILE A 19 -0.87 10.24 9.17
N PHE A 20 -0.86 11.56 9.26
CA PHE A 20 -0.13 12.26 10.32
C PHE A 20 -1.10 12.61 11.44
N GLN A 21 -0.72 12.32 12.68
CA GLN A 21 -1.58 12.64 13.80
C GLN A 21 -0.76 13.41 14.84
N GLY A 22 -1.39 14.34 15.53
CA GLY A 22 -0.65 15.11 16.52
C GLY A 22 0.36 16.03 15.88
N ASP A 23 1.54 16.14 16.48
CA ASP A 23 2.58 17.03 15.98
C ASP A 23 3.54 16.46 14.93
N ALA A 24 3.29 15.24 14.47
CA ALA A 24 4.20 14.63 13.49
C ALA A 24 4.24 15.35 12.15
N GLN A 25 5.44 15.53 11.62
CA GLN A 25 5.60 16.16 10.32
C GLN A 25 6.95 15.82 9.70
N ILE A 26 7.06 16.07 8.41
CA ILE A 26 8.30 15.82 7.68
C ILE A 26 9.21 17.03 7.74
N LYS A 27 10.50 16.78 7.97
CA LYS A 27 11.50 17.84 8.02
C LYS A 27 12.84 17.23 7.66
N ASN A 28 13.51 17.83 6.69
CA ASN A 28 14.81 17.36 6.25
C ASN A 28 14.83 15.86 5.91
N ASN A 29 13.88 15.44 5.09
CA ASN A 29 13.77 14.05 4.64
C ASN A 29 13.63 12.97 5.71
N ALA A 30 13.09 13.37 6.86
CA ALA A 30 12.87 12.45 7.96
C ALA A 30 11.55 12.85 8.60
N VAL A 31 10.95 11.94 9.36
CA VAL A 31 9.72 12.26 10.04
C VAL A 31 10.08 12.67 11.46
N GLN A 32 9.66 13.86 11.87
CA GLN A 32 9.88 14.34 13.23
C GLN A 32 8.57 14.03 13.93
N LEU A 33 8.55 12.99 14.76
CA LEU A 33 7.32 12.61 15.43
C LEU A 33 6.87 13.61 16.48
N THR A 34 7.82 14.22 17.16
CA THR A 34 7.51 15.20 18.19
C THR A 34 7.91 16.62 17.76
N LYS A 35 7.19 17.60 18.28
CA LYS A 35 7.43 19.00 17.93
C LYS A 35 8.82 19.53 18.22
N THR A 36 9.28 20.43 17.37
CA THR A 36 10.58 21.07 17.54
C THR A 36 10.36 22.56 17.27
N ASP A 37 11.24 23.41 17.78
CA ASP A 37 11.10 24.84 17.55
C ASP A 37 11.73 25.24 16.22
N SER A 38 11.79 26.55 15.97
CA SER A 38 12.35 27.09 14.75
C SER A 38 13.79 26.67 14.50
N ASN A 39 14.56 26.45 15.57
CA ASN A 39 15.96 26.04 15.43
C ASN A 39 16.09 24.52 15.35
N GLY A 40 14.95 23.83 15.43
CA GLY A 40 14.97 22.39 15.35
C GLY A 40 15.27 21.71 16.67
N ASN A 41 15.01 22.41 17.77
CA ASN A 41 15.24 21.87 19.10
C ASN A 41 13.96 21.28 19.64
N PRO A 42 14.06 20.17 20.40
CA PRO A 42 12.86 19.55 20.95
C PRO A 42 12.20 20.42 22.00
N VAL A 43 10.88 20.27 22.14
CA VAL A 43 10.13 21.02 23.12
C VAL A 43 9.32 20.04 23.94
N ALA A 44 8.85 20.48 25.10
CA ALA A 44 8.08 19.61 25.97
C ALA A 44 6.60 19.55 25.60
N SER A 45 5.92 18.54 26.14
CA SER A 45 4.49 18.35 25.93
CA SER A 45 4.50 18.34 25.93
C SER A 45 4.10 18.25 24.46
N THR A 46 4.46 17.15 23.82
CA THR A 46 4.13 16.97 22.42
C THR A 46 3.96 15.47 22.13
N VAL A 47 3.02 15.15 21.26
CA VAL A 47 2.76 13.76 20.86
C VAL A 47 2.58 13.78 19.35
N GLY A 48 3.08 12.76 18.67
CA GLY A 48 2.93 12.69 17.22
C GLY A 48 2.97 11.24 16.79
N ARG A 49 2.23 10.91 15.74
CA ARG A 49 2.20 9.53 15.24
C ARG A 49 2.01 9.55 13.73
N ILE A 50 2.41 8.49 13.05
CA ILE A 50 2.16 8.37 11.61
C ILE A 50 1.69 6.95 11.41
N LEU A 51 0.83 6.74 10.43
CA LEU A 51 0.32 5.42 10.11
C LEU A 51 0.37 5.33 8.59
N PHE A 52 0.62 4.13 8.07
CA PHE A 52 0.60 3.98 6.62
C PHE A 52 -0.89 3.90 6.27
N SER A 53 -1.29 4.53 5.16
CA SER A 53 -2.71 4.57 4.80
C SER A 53 -3.36 3.25 4.45
N ALA A 54 -2.67 2.38 3.71
CA ALA A 54 -3.28 1.10 3.35
C ALA A 54 -3.36 0.19 4.56
N GLN A 55 -4.50 -0.49 4.71
CA GLN A 55 -4.70 -1.41 5.82
C GLN A 55 -3.99 -2.73 5.51
N VAL A 56 -3.47 -3.35 6.56
CA VAL A 56 -2.75 -4.61 6.45
C VAL A 56 -3.65 -5.75 6.86
N HIS A 57 -3.68 -6.80 6.05
CA HIS A 57 -4.50 -7.97 6.38
C HIS A 57 -3.63 -8.86 7.25
N LEU A 58 -3.81 -8.74 8.56
CA LEU A 58 -3.02 -9.45 9.56
C LEU A 58 -3.40 -10.92 9.71
N TRP A 59 -4.68 -11.22 9.67
CA TRP A 59 -5.13 -12.60 9.74
C TRP A 59 -6.49 -12.72 9.07
N GLU A 60 -6.82 -13.94 8.66
CA GLU A 60 -8.07 -14.19 7.96
C GLU A 60 -8.81 -15.34 8.62
N LYS A 61 -9.94 -15.01 9.22
CA LYS A 61 -10.78 -15.99 9.92
C LYS A 61 -11.23 -17.14 9.00
N SER A 62 -11.75 -16.80 7.83
CA SER A 62 -12.24 -17.80 6.89
C SER A 62 -11.23 -18.86 6.44
N SER A 63 -10.00 -18.44 6.15
CA SER A 63 -8.96 -19.35 5.68
C SER A 63 -8.04 -19.86 6.76
N SER A 64 -8.13 -19.29 7.96
CA SER A 64 -7.27 -19.69 9.06
C SER A 64 -5.80 -19.33 8.82
N ARG A 65 -5.57 -18.26 8.05
CA ARG A 65 -4.20 -17.84 7.79
C ARG A 65 -3.84 -16.66 8.68
N VAL A 66 -2.54 -16.50 8.94
CA VAL A 66 -2.07 -15.40 9.77
C VAL A 66 -0.85 -14.87 9.04
N ALA A 67 -0.67 -13.56 9.04
CA ALA A 67 0.46 -12.99 8.33
C ALA A 67 1.79 -13.09 9.02
N ASN A 68 2.82 -13.25 8.19
CA ASN A 68 4.19 -13.24 8.64
C ASN A 68 4.55 -11.80 8.25
N PHE A 69 5.13 -11.02 9.14
CA PHE A 69 5.49 -9.66 8.72
C PHE A 69 6.83 -9.27 9.25
N GLN A 70 7.43 -8.26 8.60
CA GLN A 70 8.73 -7.77 8.97
C GLN A 70 8.71 -6.26 8.84
N SER A 71 9.24 -5.57 9.85
CA SER A 71 9.30 -4.12 9.82
C SER A 71 10.74 -3.72 10.12
N GLN A 72 11.34 -2.98 9.20
CA GLN A 72 12.72 -2.53 9.41
C GLN A 72 12.70 -1.02 9.43
N PHE A 73 13.34 -0.41 10.42
CA PHE A 73 13.35 1.02 10.48
C PHE A 73 14.55 1.52 11.26
N SER A 74 14.84 2.80 11.11
CA SER A 74 15.96 3.43 11.81
CA SER A 74 15.97 3.43 11.78
CA SER A 74 15.97 3.43 11.78
C SER A 74 15.49 4.75 12.37
N PHE A 75 15.97 5.10 13.56
CA PHE A 75 15.56 6.35 14.17
C PHE A 75 16.71 6.87 15.03
N SER A 76 16.66 8.15 15.37
CA SER A 76 17.68 8.72 16.24
C SER A 76 16.97 9.67 17.19
N LEU A 77 17.55 9.83 18.37
CA LEU A 77 16.99 10.69 19.39
C LEU A 77 18.06 11.69 19.78
N LYS A 78 17.67 12.94 19.99
CA LYS A 78 18.65 13.93 20.42
C LYS A 78 18.02 14.91 21.40
N SER A 79 18.79 15.31 22.39
CA SER A 79 18.29 16.26 23.38
C SER A 79 19.41 17.04 24.04
N PRO A 80 19.15 18.32 24.34
CA PRO A 80 20.14 19.19 25.00
C PRO A 80 20.37 18.66 26.42
N LEU A 81 19.30 18.10 26.98
CA LEU A 81 19.33 17.54 28.33
C LEU A 81 20.12 16.23 28.30
N SER A 82 20.10 15.52 29.41
CA SER A 82 20.78 14.23 29.53
C SER A 82 19.72 13.21 29.94
N ASN A 83 18.52 13.71 30.19
CA ASN A 83 17.39 12.85 30.57
CA ASN A 83 17.40 12.87 30.58
C ASN A 83 16.28 12.96 29.53
N GLY A 84 16.64 12.81 28.26
CA GLY A 84 15.65 12.88 27.20
C GLY A 84 14.50 11.92 27.40
N ALA A 85 13.29 12.36 27.06
CA ALA A 85 12.07 11.56 27.19
C ALA A 85 11.15 11.90 26.01
N ASP A 86 10.15 11.06 25.76
CA ASP A 86 9.87 9.84 26.53
C ASP A 86 10.14 8.54 25.80
N GLY A 87 10.17 8.61 24.48
CA GLY A 87 10.43 7.39 23.72
C GLY A 87 9.62 7.32 22.44
N ILE A 88 9.96 6.32 21.63
CA ILE A 88 9.30 6.10 20.35
C ILE A 88 8.84 4.66 20.28
N ALA A 89 7.75 4.40 19.57
CA ALA A 89 7.25 3.04 19.48
C ALA A 89 6.71 2.70 18.10
N PHE A 90 6.98 1.46 17.67
CA PHE A 90 6.42 0.96 16.42
C PHE A 90 5.15 0.29 16.94
N PHE A 91 4.01 0.51 16.30
CA PHE A 91 2.80 -0.12 16.79
C PHE A 91 1.86 -0.62 15.69
N ILE A 92 0.98 -1.52 16.10
CA ILE A 92 -0.01 -2.11 15.21
C ILE A 92 -1.33 -1.96 15.97
N ALA A 93 -2.34 -1.42 15.32
CA ALA A 93 -3.61 -1.20 16.00
C ALA A 93 -4.76 -1.21 14.99
N PRO A 94 -6.01 -1.14 15.49
CA PRO A 94 -7.16 -1.14 14.57
C PRO A 94 -6.98 0.06 13.65
N PRO A 95 -7.50 -0.02 12.42
CA PRO A 95 -7.38 1.06 11.43
C PRO A 95 -7.85 2.46 11.84
N ASP A 96 -8.85 2.54 12.70
CA ASP A 96 -9.37 3.85 13.08
C ASP A 96 -8.69 4.48 14.30
N THR A 97 -7.58 3.91 14.74
CA THR A 97 -6.89 4.44 15.90
C THR A 97 -6.53 5.92 15.80
N THR A 98 -6.64 6.62 16.91
CA THR A 98 -6.31 8.04 17.01
C THR A 98 -5.61 8.23 18.36
N ILE A 99 -4.94 9.35 18.52
CA ILE A 99 -4.24 9.64 19.76
C ILE A 99 -5.24 9.77 20.91
N PRO A 100 -5.10 8.92 21.95
CA PRO A 100 -6.01 8.99 23.09
C PRO A 100 -5.79 10.28 23.87
N SER A 101 -6.84 10.80 24.50
CA SER A 101 -6.73 12.03 25.28
CA SER A 101 -6.73 12.03 25.28
C SER A 101 -5.81 11.79 26.47
N GLY A 102 -4.86 12.70 26.68
CA GLY A 102 -3.92 12.57 27.78
C GLY A 102 -2.85 11.50 27.65
N SER A 103 -2.60 11.04 26.43
CA SER A 103 -1.62 9.99 26.20
C SER A 103 -0.16 10.44 26.02
N GLY A 104 0.14 11.68 26.43
CA GLY A 104 1.50 12.17 26.29
C GLY A 104 2.45 11.58 27.32
N GLY A 105 3.63 12.18 27.45
CA GLY A 105 4.60 11.69 28.41
C GLY A 105 4.89 10.20 28.26
N GLY A 106 5.02 9.52 29.39
CA GLY A 106 5.31 8.10 29.40
C GLY A 106 4.27 7.17 28.79
N LEU A 107 3.13 7.71 28.36
CA LEU A 107 2.12 6.85 27.75
C LEU A 107 2.39 6.74 26.25
N LEU A 108 3.42 7.45 25.81
CA LEU A 108 3.91 7.40 24.43
C LEU A 108 2.92 7.65 23.29
N GLY A 109 1.77 8.27 23.60
CA GLY A 109 0.79 8.56 22.57
C GLY A 109 -0.01 7.31 22.20
N LEU A 110 0.14 6.26 22.98
CA LEU A 110 -0.54 5.00 22.73
C LEU A 110 -1.66 4.61 23.68
N PHE A 111 -1.62 5.09 24.92
CA PHE A 111 -2.64 4.71 25.88
C PHE A 111 -3.24 5.90 26.62
N ALA A 112 -4.47 5.72 27.07
CA ALA A 112 -5.17 6.76 27.84
C ALA A 112 -4.82 6.50 29.30
N PRO A 113 -4.60 7.56 30.08
CA PRO A 113 -4.24 7.46 31.50
C PRO A 113 -5.04 6.44 32.30
N GLY A 114 -6.36 6.54 32.22
CA GLY A 114 -7.21 5.64 32.99
C GLY A 114 -7.22 4.17 32.66
N THR A 115 -6.83 3.81 31.44
CA THR A 115 -6.85 2.41 31.05
C THR A 115 -5.51 1.88 30.55
N ALA A 116 -4.44 2.64 30.78
CA ALA A 116 -3.10 2.26 30.32
C ALA A 116 -2.62 0.86 30.71
N GLN A 117 -3.05 0.36 31.86
CA GLN A 117 -2.62 -0.96 32.31
C GLN A 117 -3.73 -1.99 32.35
N ASN A 118 -4.87 -1.64 31.73
CA ASN A 118 -6.03 -2.52 31.66
C ASN A 118 -5.98 -3.22 30.30
N THR A 119 -5.49 -4.46 30.27
CA THR A 119 -5.36 -5.19 29.01
C THR A 119 -6.68 -5.43 28.31
N SER A 120 -7.78 -5.38 29.05
CA SER A 120 -9.10 -5.61 28.46
C SER A 120 -9.67 -4.38 27.76
N ALA A 121 -9.09 -3.22 28.01
CA ALA A 121 -9.59 -1.99 27.40
C ALA A 121 -8.78 -1.50 26.20
N ASN A 122 -7.76 -2.26 25.82
CA ASN A 122 -6.91 -1.85 24.69
C ASN A 122 -6.77 -2.90 23.61
N GLN A 123 -6.38 -2.45 22.42
CA GLN A 123 -6.11 -3.32 21.27
C GLN A 123 -4.88 -2.74 20.58
N VAL A 124 -3.71 -3.15 21.04
CA VAL A 124 -2.50 -2.62 20.44
C VAL A 124 -1.32 -3.48 20.79
N ILE A 125 -0.43 -3.64 19.81
CA ILE A 125 0.82 -4.36 20.03
C ILE A 125 1.85 -3.32 19.64
N ALA A 126 2.82 -3.08 20.50
CA ALA A 126 3.83 -2.08 20.21
C ALA A 126 5.19 -2.53 20.68
N VAL A 127 6.23 -1.97 20.07
CA VAL A 127 7.60 -2.25 20.45
C VAL A 127 8.09 -0.87 20.83
N GLU A 128 8.40 -0.66 22.10
CA GLU A 128 8.82 0.63 22.59
C GLU A 128 10.31 0.74 22.88
N PHE A 129 10.83 1.95 22.70
CA PHE A 129 12.23 2.29 22.98
C PHE A 129 12.01 3.41 23.96
N ASP A 130 12.03 3.03 25.23
CA ASP A 130 11.71 3.88 26.37
C ASP A 130 12.92 4.44 27.09
N THR A 131 13.10 5.76 27.05
CA THR A 131 14.27 6.38 27.65
C THR A 131 14.06 7.06 29.00
N PHE A 132 12.83 7.08 29.48
CA PHE A 132 12.54 7.75 30.76
C PHE A 132 11.82 6.77 31.65
N TYR A 133 12.31 6.61 32.88
CA TYR A 133 11.72 5.62 33.77
C TYR A 133 11.54 6.04 35.21
N ALA A 134 11.52 7.34 35.48
CA ALA A 134 11.36 7.83 36.85
C ALA A 134 10.15 7.13 37.46
N GLN A 135 10.38 6.47 38.59
CA GLN A 135 9.35 5.68 39.26
C GLN A 135 8.15 6.43 39.84
N ASP A 136 8.23 7.76 39.94
CA ASP A 136 7.10 8.49 40.48
C ASP A 136 6.00 8.65 39.42
N SER A 137 6.41 8.85 38.17
CA SER A 137 5.45 9.01 37.08
C SER A 137 5.30 7.79 36.18
N ASN A 138 6.41 7.09 35.93
CA ASN A 138 6.40 5.89 35.09
C ASN A 138 6.52 4.67 36.01
N THR A 139 5.52 4.51 36.87
CA THR A 139 5.51 3.43 37.86
C THR A 139 5.57 2.01 37.31
N TRP A 140 5.22 1.85 36.05
CA TRP A 140 5.19 0.52 35.41
C TRP A 140 6.53 0.10 34.80
N ASP A 141 7.47 1.03 34.70
CA ASP A 141 8.77 0.76 34.09
C ASP A 141 9.85 0.17 34.97
N PRO A 142 10.77 -0.60 34.37
CA PRO A 142 11.88 -1.19 35.10
C PRO A 142 12.74 0.04 35.34
N ASN A 143 13.66 -0.01 36.29
CA ASN A 143 14.46 1.17 36.62
C ASN A 143 15.69 1.43 35.73
N TYR A 144 15.50 1.45 34.41
CA TYR A 144 16.60 1.72 33.47
C TYR A 144 16.03 1.84 32.05
N PRO A 145 16.79 2.46 31.11
CA PRO A 145 16.29 2.60 29.74
C PRO A 145 16.07 1.19 29.21
N HIS A 146 15.08 1.00 28.32
CA HIS A 146 14.78 -0.34 27.87
C HIS A 146 14.01 -0.40 26.57
N ILE A 147 14.05 -1.57 25.96
CA ILE A 147 13.24 -1.83 24.77
C ILE A 147 12.18 -2.78 25.32
N GLY A 148 10.92 -2.55 25.00
CA GLY A 148 9.91 -3.45 25.52
C GLY A 148 8.86 -3.83 24.51
N ILE A 149 8.22 -4.98 24.73
CA ILE A 149 7.14 -5.41 23.86
C ILE A 149 5.89 -5.17 24.69
N ASP A 150 4.98 -4.36 24.14
CA ASP A 150 3.75 -3.98 24.82
C ASP A 150 2.56 -4.64 24.15
N VAL A 151 1.77 -5.37 24.93
CA VAL A 151 0.58 -6.02 24.41
C VAL A 151 -0.60 -5.53 25.25
N ASN A 152 -1.35 -4.57 24.71
CA ASN A 152 -2.52 -4.01 25.37
C ASN A 152 -2.28 -3.28 26.69
N SER A 153 -1.02 -2.97 27.00
CA SER A 153 -0.71 -2.28 28.25
C SER A 153 0.62 -1.57 28.15
N ILE A 154 0.76 -0.43 28.84
CA ILE A 154 2.00 0.31 28.83
C ILE A 154 3.07 -0.42 29.67
N ARG A 155 2.64 -1.40 30.46
CA ARG A 155 3.57 -2.21 31.26
C ARG A 155 3.96 -3.39 30.37
N SER A 156 5.14 -3.29 29.77
CA SER A 156 5.64 -4.30 28.84
C SER A 156 5.58 -5.72 29.38
N VAL A 157 5.23 -6.67 28.51
CA VAL A 157 5.19 -8.05 28.92
C VAL A 157 6.63 -8.58 28.95
N LYS A 158 7.52 -7.91 28.24
CA LYS A 158 8.92 -8.32 28.20
C LYS A 158 9.81 -7.12 27.87
N THR A 159 10.94 -6.99 28.57
CA THR A 159 11.86 -5.88 28.32
C THR A 159 13.32 -6.36 28.32
N VAL A 160 14.18 -5.54 27.73
CA VAL A 160 15.62 -5.81 27.75
C VAL A 160 16.28 -4.46 28.02
N LYS A 161 17.31 -4.43 28.86
CA LYS A 161 17.99 -3.17 29.13
C LYS A 161 18.61 -2.66 27.84
N TRP A 162 18.51 -1.35 27.64
CA TRP A 162 18.99 -0.73 26.41
C TRP A 162 19.77 0.55 26.76
N ASP A 163 20.63 0.98 25.84
CA ASP A 163 21.42 2.19 26.06
C ASP A 163 20.98 3.27 25.09
N ARG A 164 20.67 4.44 25.61
CA ARG A 164 20.28 5.56 24.75
C ARG A 164 21.56 6.28 24.34
N ARG A 165 21.75 6.50 23.05
CA ARG A 165 22.93 7.20 22.57
C ARG A 165 22.46 8.42 21.79
N ASP A 166 22.72 9.60 22.34
CA ASP A 166 22.27 10.83 21.72
C ASP A 166 22.78 11.02 20.29
N GLY A 167 21.87 11.29 19.36
CA GLY A 167 22.25 11.52 17.98
C GLY A 167 22.69 10.34 17.12
N GLN A 168 22.73 9.13 17.68
CA GLN A 168 23.15 7.97 16.90
C GLN A 168 21.94 7.14 16.43
N SER A 169 21.94 6.77 15.15
CA SER A 169 20.83 5.99 14.61
C SER A 169 20.80 4.54 15.06
N LEU A 170 19.62 4.07 15.42
CA LEU A 170 19.44 2.68 15.84
C LEU A 170 18.67 1.98 14.74
N ASN A 171 19.23 0.89 14.24
CA ASN A 171 18.59 0.10 13.18
CA ASN A 171 18.60 0.11 13.18
C ASN A 171 17.81 -1.00 13.85
N VAL A 172 16.53 -1.11 13.51
CA VAL A 172 15.68 -2.12 14.12
C VAL A 172 14.98 -3.03 13.12
N LEU A 173 14.91 -4.30 13.48
CA LEU A 173 14.21 -5.27 12.66
C LEU A 173 13.18 -5.93 13.59
N VAL A 174 11.90 -5.83 13.26
CA VAL A 174 10.84 -6.47 14.05
C VAL A 174 10.22 -7.49 13.13
N THR A 175 10.15 -8.74 13.57
CA THR A 175 9.59 -9.81 12.76
CA THR A 175 9.57 -9.80 12.75
CA THR A 175 9.57 -9.79 12.76
C THR A 175 8.55 -10.61 13.54
N PHE A 176 7.54 -11.09 12.85
CA PHE A 176 6.53 -11.91 13.50
C PHE A 176 6.37 -13.14 12.62
N ASN A 177 6.55 -14.32 13.21
CA ASN A 177 6.44 -15.58 12.48
C ASN A 177 5.19 -16.28 12.99
N PRO A 178 4.18 -16.47 12.12
CA PRO A 178 2.95 -17.14 12.55
C PRO A 178 3.10 -18.63 12.92
N SER A 179 4.15 -19.28 12.43
CA SER A 179 4.37 -20.68 12.75
C SER A 179 4.71 -20.83 14.22
N THR A 180 5.64 -20.01 14.69
CA THR A 180 6.09 -20.05 16.08
C THR A 180 5.36 -19.07 16.98
N ARG A 181 4.70 -18.08 16.37
CA ARG A 181 3.99 -17.02 17.09
C ARG A 181 4.97 -16.12 17.84
N ASN A 182 6.22 -16.13 17.40
CA ASN A 182 7.26 -15.31 18.03
CA ASN A 182 7.25 -15.32 18.03
C ASN A 182 7.40 -13.94 17.39
N LEU A 183 7.31 -12.90 18.22
CA LEU A 183 7.46 -11.52 17.77
C LEU A 183 8.91 -11.27 18.22
N ASP A 184 9.81 -11.10 17.26
CA ASP A 184 11.22 -10.89 17.58
CA ASP A 184 11.22 -10.89 17.57
C ASP A 184 11.70 -9.48 17.26
N VAL A 185 12.51 -8.92 18.14
CA VAL A 185 13.04 -7.58 17.95
C VAL A 185 14.55 -7.62 18.06
N VAL A 186 15.22 -7.05 17.06
CA VAL A 186 16.68 -6.98 17.04
C VAL A 186 17.03 -5.52 16.72
N ALA A 187 17.78 -4.89 17.62
CA ALA A 187 18.16 -3.49 17.44
C ALA A 187 19.68 -3.41 17.49
N THR A 188 20.28 -2.63 16.58
CA THR A 188 21.73 -2.50 16.54
CA THR A 188 21.73 -2.51 16.52
CA THR A 188 21.73 -2.50 16.55
C THR A 188 22.21 -1.09 16.23
N TYR A 189 23.32 -0.69 16.86
CA TYR A 189 23.89 0.63 16.63
C TYR A 189 24.96 0.33 15.57
N SER A 190 25.47 1.36 14.91
CA SER A 190 26.45 1.15 13.84
C SER A 190 27.73 0.45 14.25
N ASP A 191 28.07 0.48 15.53
CA ASP A 191 29.29 -0.18 15.98
C ASP A 191 29.08 -1.66 16.25
N GLY A 192 27.88 -2.16 15.98
CA GLY A 192 27.61 -3.57 16.20
C GLY A 192 26.94 -3.92 17.53
N THR A 193 26.77 -2.94 18.41
CA THR A 193 26.12 -3.21 19.70
C THR A 193 24.70 -3.65 19.37
N ARG A 194 24.34 -4.83 19.86
CA ARG A 194 23.06 -5.44 19.57
CA ARG A 194 23.05 -5.44 19.57
C ARG A 194 22.18 -5.70 20.80
N TYR A 195 20.87 -5.54 20.62
CA TYR A 195 19.90 -5.78 21.68
C TYR A 195 18.81 -6.66 21.09
N GLU A 196 18.37 -7.66 21.85
CA GLU A 196 17.34 -8.54 21.34
C GLU A 196 16.28 -8.82 22.40
N VAL A 197 15.03 -8.91 21.98
CA VAL A 197 13.95 -9.24 22.89
C VAL A 197 12.85 -9.87 22.07
N SER A 198 12.20 -10.89 22.61
CA SER A 198 11.13 -11.56 21.88
C SER A 198 10.05 -12.03 22.83
N TYR A 199 8.89 -12.33 22.26
CA TYR A 199 7.76 -12.77 23.05
C TYR A 199 6.81 -13.55 22.15
N GLU A 200 6.20 -14.60 22.71
CA GLU A 200 5.26 -15.39 21.94
C GLU A 200 3.89 -14.77 22.12
N VAL A 201 3.21 -14.47 21.01
CA VAL A 201 1.89 -13.86 21.08
C VAL A 201 1.01 -14.27 19.91
N ASP A 202 -0.24 -14.62 20.21
CA ASP A 202 -1.19 -15.00 19.17
C ASP A 202 -1.88 -13.71 18.79
N VAL A 203 -1.44 -13.11 17.69
CA VAL A 203 -2.02 -11.84 17.25
CA VAL A 203 -2.02 -11.85 17.25
CA VAL A 203 -2.01 -11.84 17.25
C VAL A 203 -3.52 -11.92 17.01
N ARG A 204 -4.02 -13.11 16.68
CA ARG A 204 -5.46 -13.25 16.43
C ARG A 204 -6.34 -12.96 17.65
N SER A 205 -5.81 -13.14 18.86
CA SER A 205 -6.62 -12.89 20.05
C SER A 205 -6.45 -11.47 20.57
N VAL A 206 -5.62 -10.68 19.90
CA VAL A 206 -5.36 -9.32 20.33
C VAL A 206 -5.84 -8.24 19.37
N LEU A 207 -5.65 -8.48 18.08
CA LEU A 207 -6.03 -7.50 17.07
C LEU A 207 -7.05 -8.03 16.07
N PRO A 208 -7.75 -7.11 15.38
CA PRO A 208 -8.75 -7.48 14.38
C PRO A 208 -8.01 -7.98 13.13
N GLU A 209 -8.75 -8.50 12.17
CA GLU A 209 -8.16 -9.03 10.94
C GLU A 209 -7.43 -7.98 10.11
N TRP A 210 -7.95 -6.76 10.09
CA TRP A 210 -7.32 -5.68 9.34
C TRP A 210 -6.82 -4.64 10.32
N VAL A 211 -5.59 -4.19 10.13
CA VAL A 211 -4.98 -3.22 11.03
C VAL A 211 -4.19 -2.16 10.28
N ARG A 212 -3.70 -1.16 11.02
CA ARG A 212 -2.81 -0.19 10.40
C ARG A 212 -1.53 -0.25 11.24
N VAL A 213 -0.40 0.08 10.62
CA VAL A 213 0.88 0.04 11.33
C VAL A 213 1.50 1.43 11.26
N GLY A 214 2.30 1.77 12.25
CA GLY A 214 2.90 3.09 12.24
C GLY A 214 3.82 3.28 13.43
N PHE A 215 4.08 4.54 13.76
CA PHE A 215 4.96 4.88 14.87
C PHE A 215 4.36 5.99 15.70
N SER A 216 4.73 6.03 16.97
CA SER A 216 4.23 7.04 17.88
CA SER A 216 4.23 7.06 17.87
C SER A 216 5.37 7.46 18.80
N ALA A 217 5.34 8.70 19.25
CA ALA A 217 6.38 9.17 20.17
C ALA A 217 5.78 10.30 20.96
N ALA A 218 6.37 10.58 22.13
CA ALA A 218 5.84 11.64 22.96
C ALA A 218 6.94 12.16 23.87
N SER A 219 6.75 13.38 24.35
CA SER A 219 7.65 14.01 25.30
C SER A 219 6.73 14.68 26.31
N GLY A 220 7.00 14.47 27.60
CA GLY A 220 6.20 15.11 28.64
C GLY A 220 6.97 16.33 29.10
N GLU A 221 7.34 16.39 30.38
CA GLU A 221 8.11 17.53 30.88
C GLU A 221 9.55 17.48 30.39
N GLN A 222 10.07 16.28 30.18
CA GLN A 222 11.44 16.11 29.69
C GLN A 222 11.25 15.89 28.18
N TYR A 223 12.28 16.14 27.38
CA TYR A 223 12.11 16.02 25.95
C TYR A 223 13.35 15.66 25.13
N GLN A 224 13.10 15.28 23.88
CA GLN A 224 14.13 14.90 22.93
C GLN A 224 13.40 14.77 21.59
N THR A 225 14.14 14.88 20.50
CA THR A 225 13.52 14.70 19.19
C THR A 225 13.38 13.20 18.99
N HIS A 226 12.38 12.79 18.20
CA HIS A 226 12.17 11.38 17.88
C HIS A 226 12.11 11.38 16.36
N THR A 227 13.25 11.16 15.74
CA THR A 227 13.40 11.21 14.31
C THR A 227 13.39 9.87 13.60
N LEU A 228 12.35 9.62 12.82
CA LEU A 228 12.26 8.37 12.08
C LEU A 228 12.93 8.63 10.73
N GLU A 229 14.00 7.90 10.46
CA GLU A 229 14.80 8.10 9.25
C GLU A 229 14.46 7.24 8.04
N SER A 230 14.07 6.00 8.27
CA SER A 230 13.74 5.10 7.17
C SER A 230 12.80 4.04 7.70
N TRP A 231 12.06 3.40 6.80
CA TRP A 231 11.11 2.40 7.21
C TRP A 231 10.68 1.52 6.04
N SER A 232 10.75 0.21 6.24
CA SER A 232 10.33 -0.75 5.22
CA SER A 232 10.35 -0.76 5.23
CA SER A 232 10.36 -0.77 5.24
C SER A 232 9.43 -1.77 5.90
N PHE A 233 8.40 -2.20 5.19
CA PHE A 233 7.48 -3.16 5.78
C PHE A 233 6.99 -4.15 4.75
N THR A 234 6.83 -5.41 5.17
CA THR A 234 6.32 -6.42 4.27
CA THR A 234 6.35 -6.45 4.27
CA THR A 234 6.33 -6.43 4.27
C THR A 234 5.51 -7.41 5.08
N SER A 235 4.37 -7.83 4.52
CA SER A 235 3.53 -8.81 5.20
CA SER A 235 3.49 -8.77 5.20
C SER A 235 2.94 -9.74 4.16
N THR A 236 2.81 -11.01 4.53
CA THR A 236 2.29 -12.04 3.63
C THR A 236 1.45 -13.02 4.44
N LEU A 237 0.21 -13.25 4.01
CA LEU A 237 -0.66 -14.19 4.72
C LEU A 237 -0.19 -15.63 4.45
N LEU A 238 -0.01 -16.42 5.50
CA LEU A 238 0.43 -17.80 5.34
C LEU A 238 -0.42 -18.81 6.12
N TYR A 239 -0.44 -20.04 5.61
CA TYR A 239 -1.17 -21.13 6.24
C TYR A 239 -0.24 -21.79 7.26
N THR A 240 -0.77 -22.10 8.43
CA THR A 240 0.03 -22.76 9.47
C THR A 240 -0.84 -23.75 10.25
CA GLN B 1 7.35 5.24 -0.48
C GLN B 1 7.93 5.13 -1.88
N ASP B 2 9.22 4.84 -1.95
CA ASP B 2 9.91 4.68 -3.22
C ASP B 2 9.49 3.35 -3.84
N SER B 3 9.11 2.39 -3.01
CA SER B 3 8.71 1.09 -3.50
C SER B 3 7.39 0.65 -2.88
N LEU B 4 6.56 0.01 -3.69
CA LEU B 4 5.25 -0.45 -3.23
C LEU B 4 4.86 -1.70 -4.01
N SER B 5 4.33 -2.70 -3.31
CA SER B 5 3.89 -3.92 -4.00
C SER B 5 2.74 -4.53 -3.25
N PHE B 6 1.84 -5.19 -3.99
CA PHE B 6 0.72 -5.85 -3.35
C PHE B 6 0.28 -6.98 -4.25
N GLY B 7 -0.34 -7.99 -3.65
CA GLY B 7 -0.78 -9.12 -4.43
C GLY B 7 -2.14 -9.63 -4.00
N PHE B 8 -3.00 -9.85 -5.00
CA PHE B 8 -4.34 -10.38 -4.78
C PHE B 8 -4.45 -11.69 -5.56
N PRO B 9 -4.11 -12.83 -4.94
CA PRO B 9 -4.23 -14.11 -5.67
C PRO B 9 -5.70 -14.37 -6.02
N THR B 10 -6.58 -13.84 -5.18
CA THR B 10 -8.05 -13.91 -5.34
C THR B 10 -8.58 -12.65 -4.68
N PHE B 11 -9.88 -12.39 -4.81
CA PHE B 11 -10.49 -11.21 -4.22
C PHE B 11 -11.65 -11.55 -3.26
N PRO B 12 -11.33 -11.81 -1.98
CA PRO B 12 -12.37 -12.14 -1.00
C PRO B 12 -13.28 -10.92 -0.85
N SER B 13 -14.51 -11.12 -0.40
CA SER B 13 -15.43 -10.00 -0.29
C SER B 13 -15.05 -8.94 0.75
N ASP B 14 -14.22 -9.31 1.72
CA ASP B 14 -13.81 -8.36 2.75
CA ASP B 14 -13.80 -8.36 2.75
C ASP B 14 -12.63 -7.50 2.29
N GLN B 15 -12.90 -6.51 1.45
CA GLN B 15 -11.85 -5.63 0.92
C GLN B 15 -11.77 -4.29 1.64
N LYS B 16 -10.55 -3.83 1.88
CA LYS B 16 -10.37 -2.55 2.55
C LYS B 16 -9.59 -1.54 1.73
N ASN B 17 -8.71 -2.01 0.84
CA ASN B 17 -7.87 -1.10 0.06
C ASN B 17 -8.22 -0.90 -1.40
N LEU B 18 -9.46 -1.21 -1.77
CA LEU B 18 -9.88 -1.01 -3.15
C LEU B 18 -10.94 0.07 -3.19
N ILE B 19 -10.83 0.96 -4.16
CA ILE B 19 -11.80 2.01 -4.37
C ILE B 19 -12.68 1.47 -5.49
N PHE B 20 -13.97 1.29 -5.20
CA PHE B 20 -14.91 0.78 -6.20
C PHE B 20 -15.65 1.95 -6.81
N GLN B 21 -15.76 1.97 -8.13
CA GLN B 21 -16.48 3.04 -8.81
C GLN B 21 -17.49 2.43 -9.78
N GLY B 22 -18.64 3.08 -9.93
CA GLY B 22 -19.64 2.55 -10.83
C GLY B 22 -20.24 1.26 -10.31
N ASP B 23 -20.42 0.30 -11.20
CA ASP B 23 -21.03 -0.98 -10.85
C ASP B 23 -20.08 -2.07 -10.35
N ALA B 24 -18.79 -1.78 -10.29
CA ALA B 24 -17.83 -2.79 -9.84
C ALA B 24 -18.13 -3.33 -8.45
N GLN B 25 -17.98 -4.65 -8.29
CA GLN B 25 -18.18 -5.29 -7.00
C GLN B 25 -17.58 -6.68 -6.97
N ILE B 26 -17.35 -7.19 -5.76
CA ILE B 26 -16.79 -8.52 -5.59
C ILE B 26 -17.89 -9.57 -5.57
N LYS B 27 -17.70 -10.64 -6.33
CA LYS B 27 -18.65 -11.75 -6.36
C LYS B 27 -17.83 -13.01 -6.61
N ASN B 28 -18.05 -14.02 -5.78
CA ASN B 28 -17.34 -15.30 -5.89
C ASN B 28 -15.82 -15.19 -5.96
N ASN B 29 -15.23 -14.40 -5.06
CA ASN B 29 -13.78 -14.23 -4.98
C ASN B 29 -13.11 -13.60 -6.18
N ALA B 30 -13.89 -12.90 -7.00
CA ALA B 30 -13.36 -12.19 -8.16
C ALA B 30 -14.04 -10.84 -8.22
N VAL B 31 -13.45 -9.91 -8.96
CA VAL B 31 -14.05 -8.60 -9.11
C VAL B 31 -14.88 -8.61 -10.38
N GLN B 32 -16.17 -8.32 -10.27
CA GLN B 32 -17.04 -8.24 -11.43
C GLN B 32 -17.05 -6.74 -11.70
N LEU B 33 -16.37 -6.31 -12.76
CA LEU B 33 -16.31 -4.89 -13.07
C LEU B 33 -17.64 -4.35 -13.57
N THR B 34 -18.33 -5.14 -14.40
CA THR B 34 -19.62 -4.73 -14.95
C THR B 34 -20.77 -5.48 -14.28
N LYS B 35 -21.92 -4.83 -14.23
CA LYS B 35 -23.11 -5.38 -13.58
C LYS B 35 -23.64 -6.69 -14.15
N THR B 36 -24.13 -7.54 -13.26
CA THR B 36 -24.72 -8.83 -13.66
C THR B 36 -26.03 -8.96 -12.90
N ASP B 37 -27.01 -9.63 -13.49
CA ASP B 37 -28.30 -9.80 -12.83
C ASP B 37 -28.16 -10.82 -11.71
N SER B 38 -29.28 -11.25 -11.14
CA SER B 38 -29.29 -12.22 -10.05
C SER B 38 -28.72 -13.59 -10.45
N ASN B 39 -28.87 -13.95 -11.73
CA ASN B 39 -28.35 -15.22 -12.22
C ASN B 39 -26.89 -15.12 -12.66
N GLY B 40 -26.29 -13.94 -12.45
CA GLY B 40 -24.90 -13.75 -12.83
C GLY B 40 -24.71 -13.49 -14.32
N ASN B 41 -25.81 -13.19 -15.00
CA ASN B 41 -25.76 -12.91 -16.44
C ASN B 41 -25.46 -11.44 -16.66
N PRO B 42 -24.68 -11.12 -17.70
CA PRO B 42 -24.34 -9.72 -17.99
C PRO B 42 -25.52 -8.92 -18.53
N VAL B 43 -25.51 -7.62 -18.24
CA VAL B 43 -26.57 -6.72 -18.70
C VAL B 43 -25.95 -5.54 -19.44
N ALA B 44 -26.76 -4.86 -20.24
CA ALA B 44 -26.27 -3.73 -20.99
C ALA B 44 -26.14 -2.46 -20.14
N SER B 45 -25.49 -1.46 -20.72
CA SER B 45 -25.30 -0.16 -20.08
CA SER B 45 -25.31 -0.16 -20.09
C SER B 45 -24.76 -0.19 -18.67
N THR B 46 -23.51 -0.61 -18.53
CA THR B 46 -22.91 -0.66 -17.22
C THR B 46 -21.42 -0.30 -17.33
N VAL B 47 -20.89 0.36 -16.31
CA VAL B 47 -19.49 0.76 -16.28
C VAL B 47 -19.01 0.53 -14.85
N GLY B 48 -17.79 0.06 -14.68
CA GLY B 48 -17.27 -0.17 -13.34
C GLY B 48 -15.76 -0.13 -13.36
N ARG B 49 -15.15 0.35 -12.27
CA ARG B 49 -13.70 0.42 -12.20
C ARG B 49 -13.26 0.18 -10.76
N ILE B 50 -12.01 -0.22 -10.58
CA ILE B 50 -11.46 -0.36 -9.24
C ILE B 50 -10.08 0.26 -9.29
N LEU B 51 -9.64 0.78 -8.16
CA LEU B 51 -8.31 1.39 -8.07
C LEU B 51 -7.74 0.93 -6.74
N PHE B 52 -6.42 0.77 -6.67
CA PHE B 52 -5.86 0.40 -5.38
C PHE B 52 -5.83 1.72 -4.62
N SER B 53 -6.12 1.69 -3.32
CA SER B 53 -6.19 2.95 -2.56
C SER B 53 -4.89 3.73 -2.41
N ALA B 54 -3.78 3.04 -2.13
CA ALA B 54 -2.51 3.75 -1.98
C ALA B 54 -2.02 4.30 -3.31
N GLN B 55 -1.50 5.53 -3.28
CA GLN B 55 -1.00 6.16 -4.49
C GLN B 55 0.40 5.62 -4.79
N VAL B 56 0.70 5.50 -6.08
CA VAL B 56 1.98 5.00 -6.54
C VAL B 56 2.87 6.16 -6.94
N HIS B 57 4.12 6.16 -6.47
CA HIS B 57 5.01 7.25 -6.85
C HIS B 57 5.66 6.82 -8.15
N LEU B 58 5.12 7.33 -9.26
CA LEU B 58 5.56 6.99 -10.61
C LEU B 58 6.88 7.62 -11.02
N TRP B 59 7.07 8.89 -10.67
CA TRP B 59 8.34 9.54 -10.97
C TRP B 59 8.54 10.68 -9.99
N GLU B 60 9.78 11.13 -9.87
CA GLU B 60 10.10 12.18 -8.92
C GLU B 60 10.97 13.25 -9.57
N LYS B 61 10.37 14.42 -9.79
CA LYS B 61 11.06 15.53 -10.42
C LYS B 61 12.40 15.84 -9.75
N SER B 62 12.33 16.17 -8.47
CA SER B 62 13.53 16.53 -7.71
C SER B 62 14.70 15.55 -7.81
N SER B 63 14.43 14.25 -7.77
CA SER B 63 15.51 13.27 -7.83
C SER B 63 15.75 12.66 -9.21
N SER B 64 15.00 13.11 -10.21
CA SER B 64 15.17 12.60 -11.56
C SER B 64 15.01 11.07 -11.69
N ARG B 65 14.17 10.48 -10.85
CA ARG B 65 13.95 9.04 -10.89
C ARG B 65 12.60 8.74 -11.51
N VAL B 66 12.47 7.55 -12.09
CA VAL B 66 11.23 7.10 -12.70
C VAL B 66 11.07 5.64 -12.28
N ALA B 67 9.84 5.25 -11.99
CA ALA B 67 9.59 3.90 -11.52
C ALA B 67 9.61 2.79 -12.56
N ASN B 68 10.12 1.65 -12.11
CA ASN B 68 10.14 0.42 -12.88
C ASN B 68 8.91 -0.26 -12.26
N PHE B 69 7.90 -0.63 -13.06
CA PHE B 69 6.75 -1.30 -12.46
C PHE B 69 6.31 -2.51 -13.27
N GLN B 70 5.62 -3.42 -12.61
CA GLN B 70 5.12 -4.63 -13.26
C GLN B 70 3.74 -4.90 -12.71
N SER B 71 2.80 -5.24 -13.59
CA SER B 71 1.45 -5.54 -13.17
C SER B 71 1.08 -6.87 -13.83
N GLN B 72 0.79 -7.88 -13.02
CA GLN B 72 0.43 -9.21 -13.53
C GLN B 72 -1.03 -9.41 -13.16
N PHE B 73 -1.86 -9.86 -14.11
CA PHE B 73 -3.25 -10.06 -13.77
C PHE B 73 -3.90 -11.06 -14.70
N SER B 74 -5.06 -11.54 -14.31
CA SER B 74 -5.80 -12.50 -15.14
CA SER B 74 -5.81 -12.52 -15.10
C SER B 74 -7.28 -12.12 -15.10
N PHE B 75 -7.95 -12.32 -16.22
CA PHE B 75 -9.38 -11.99 -16.30
C PHE B 75 -10.04 -12.93 -17.30
N SER B 76 -11.36 -12.98 -17.24
CA SER B 76 -12.10 -13.80 -18.19
C SER B 76 -13.34 -13.01 -18.58
N LEU B 77 -13.83 -13.27 -19.78
CA LEU B 77 -15.00 -12.59 -20.31
C LEU B 77 -15.99 -13.65 -20.75
N LYS B 78 -17.28 -13.41 -20.52
CA LYS B 78 -18.29 -14.38 -20.90
C LYS B 78 -19.53 -13.66 -21.40
N SER B 79 -20.13 -14.18 -22.47
CA SER B 79 -21.35 -13.57 -23.01
C SER B 79 -22.09 -14.54 -23.91
N PRO B 80 -23.43 -14.56 -23.82
CA PRO B 80 -24.20 -15.47 -24.68
C PRO B 80 -24.29 -14.89 -26.10
N LEU B 81 -23.95 -13.62 -26.24
CA LEU B 81 -23.99 -12.95 -27.54
C LEU B 81 -22.79 -13.30 -28.41
N SER B 82 -22.95 -13.18 -29.72
CA SER B 82 -21.84 -13.47 -30.62
C SER B 82 -20.85 -12.30 -30.60
N ASN B 83 -21.30 -11.13 -30.14
CA ASN B 83 -20.46 -9.95 -30.10
C ASN B 83 -20.44 -9.26 -28.73
N GLY B 84 -19.93 -9.96 -27.73
CA GLY B 84 -19.85 -9.40 -26.38
C GLY B 84 -19.03 -8.12 -26.39
N ALA B 85 -19.45 -7.15 -25.59
CA ALA B 85 -18.79 -5.86 -25.53
C ALA B 85 -18.75 -5.35 -24.09
N ASP B 86 -17.90 -4.36 -23.79
CA ASP B 86 -17.01 -3.69 -24.75
C ASP B 86 -15.53 -3.96 -24.52
N GLY B 87 -15.16 -4.35 -23.31
CA GLY B 87 -13.76 -4.61 -23.05
C GLY B 87 -13.34 -4.20 -21.65
N ILE B 88 -12.11 -4.60 -21.30
CA ILE B 88 -11.55 -4.30 -20.00
C ILE B 88 -10.19 -3.66 -20.18
N ALA B 89 -9.82 -2.76 -19.28
CA ALA B 89 -8.52 -2.11 -19.39
C ALA B 89 -7.82 -1.98 -18.05
N PHE B 90 -6.50 -2.10 -18.08
CA PHE B 90 -5.66 -1.87 -16.91
C PHE B 90 -5.26 -0.41 -17.19
N PHE B 91 -5.33 0.46 -16.19
CA PHE B 91 -4.98 1.85 -16.45
C PHE B 91 -4.26 2.54 -15.32
N ILE B 92 -3.61 3.64 -15.66
CA ILE B 92 -2.86 4.44 -14.70
C ILE B 92 -3.35 5.86 -14.93
N ALA B 93 -3.79 6.52 -13.86
CA ALA B 93 -4.33 7.87 -13.97
C ALA B 93 -4.06 8.71 -12.73
N PRO B 94 -4.41 10.01 -12.78
CA PRO B 94 -4.19 10.87 -11.61
C PRO B 94 -5.02 10.29 -10.48
N PRO B 95 -4.56 10.43 -9.23
CA PRO B 95 -5.25 9.90 -8.04
C PRO B 95 -6.73 10.20 -7.86
N ASP B 96 -7.17 11.37 -8.30
CA ASP B 96 -8.57 11.75 -8.14
C ASP B 96 -9.47 11.35 -9.30
N THR B 97 -8.99 10.43 -10.13
CA THR B 97 -9.76 9.99 -11.29
C THR B 97 -11.12 9.39 -10.95
N THR B 98 -12.14 9.76 -11.72
CA THR B 98 -13.49 9.25 -11.54
C THR B 98 -14.06 8.89 -12.91
N ILE B 99 -15.16 8.14 -12.94
CA ILE B 99 -15.76 7.75 -14.21
C ILE B 99 -16.30 9.00 -14.90
N PRO B 100 -15.83 9.30 -16.11
CA PRO B 100 -16.31 10.47 -16.84
C PRO B 100 -17.77 10.25 -17.27
N SER B 101 -18.52 11.34 -17.37
CA SER B 101 -19.92 11.24 -17.80
CA SER B 101 -19.92 11.23 -17.79
C SER B 101 -19.98 10.73 -19.23
N GLY B 102 -20.84 9.74 -19.47
CA GLY B 102 -20.97 9.18 -20.81
C GLY B 102 -19.81 8.32 -21.30
N SER B 103 -18.95 7.89 -20.38
CA SER B 103 -17.79 7.08 -20.75
C SER B 103 -18.10 5.60 -20.97
N GLY B 104 -19.38 5.26 -21.03
CA GLY B 104 -19.75 3.87 -21.23
C GLY B 104 -19.45 3.35 -22.62
N GLY B 105 -19.91 2.14 -22.90
CA GLY B 105 -19.68 1.56 -24.21
C GLY B 105 -18.23 1.46 -24.64
N GLY B 106 -17.97 1.83 -25.88
CA GLY B 106 -16.62 1.75 -26.41
C GLY B 106 -15.62 2.68 -25.78
N LEU B 107 -16.06 3.54 -24.87
CA LEU B 107 -15.11 4.45 -24.23
C LEU B 107 -14.52 3.79 -22.98
N LEU B 108 -14.94 2.55 -22.71
CA LEU B 108 -14.42 1.73 -21.63
C LEU B 108 -14.36 2.31 -20.23
N GLY B 109 -15.15 3.34 -19.97
CA GLY B 109 -15.18 3.98 -18.66
C GLY B 109 -13.96 4.85 -18.40
N LEU B 110 -13.18 5.11 -19.45
CA LEU B 110 -11.96 5.91 -19.35
C LEU B 110 -12.02 7.31 -19.94
N PHE B 111 -12.83 7.49 -20.98
CA PHE B 111 -12.89 8.79 -21.65
C PHE B 111 -14.30 9.37 -21.78
N ALA B 112 -14.36 10.70 -21.86
CA ALA B 112 -15.62 11.40 -22.06
C ALA B 112 -15.77 11.51 -23.58
N PRO B 113 -17.00 11.38 -24.09
CA PRO B 113 -17.25 11.45 -25.54
C PRO B 113 -16.62 12.65 -26.25
N GLY B 114 -16.79 13.84 -25.67
CA GLY B 114 -16.27 15.05 -26.29
C GLY B 114 -14.77 15.17 -26.46
N THR B 115 -14.01 14.52 -25.60
CA THR B 115 -12.57 14.60 -25.66
C THR B 115 -11.85 13.26 -25.80
N ALA B 116 -12.61 12.21 -26.13
CA ALA B 116 -12.05 10.86 -26.25
C ALA B 116 -10.81 10.74 -27.11
N GLN B 117 -10.71 11.57 -28.16
CA GLN B 117 -9.55 11.50 -29.04
C GLN B 117 -8.68 12.75 -28.98
N ASN B 118 -8.89 13.57 -27.97
CA ASN B 118 -8.09 14.77 -27.79
C ASN B 118 -6.98 14.44 -26.80
N THR B 119 -5.79 14.15 -27.30
CA THR B 119 -4.70 13.78 -26.42
C THR B 119 -4.28 14.86 -25.42
N SER B 120 -4.60 16.11 -25.69
CA SER B 120 -4.21 17.17 -24.76
C SER B 120 -5.26 17.39 -23.67
N ALA B 121 -6.38 16.68 -23.75
CA ALA B 121 -7.44 16.84 -22.76
C ALA B 121 -7.49 15.70 -21.73
N ASN B 122 -6.59 14.73 -21.87
CA ASN B 122 -6.58 13.59 -20.97
C ASN B 122 -5.20 13.30 -20.38
N GLN B 123 -5.21 12.50 -19.31
CA GLN B 123 -4.01 12.06 -18.63
C GLN B 123 -4.28 10.61 -18.23
N VAL B 124 -3.99 9.68 -19.11
CA VAL B 124 -4.22 8.27 -18.84
CA VAL B 124 -4.23 8.26 -18.85
CA VAL B 124 -4.21 8.27 -18.83
C VAL B 124 -3.40 7.37 -19.74
N ILE B 125 -2.88 6.29 -19.18
CA ILE B 125 -2.12 5.32 -19.95
C ILE B 125 -2.90 4.06 -19.63
N ALA B 126 -3.35 3.35 -20.66
CA ALA B 126 -4.12 2.15 -20.43
C ALA B 126 -3.77 1.07 -21.43
N VAL B 127 -3.99 -0.17 -21.02
CA VAL B 127 -3.78 -1.34 -21.88
C VAL B 127 -5.19 -1.94 -21.99
N GLU B 128 -5.77 -1.85 -23.19
CA GLU B 128 -7.13 -2.34 -23.40
C GLU B 128 -7.18 -3.68 -24.12
N PHE B 129 -8.22 -4.45 -23.78
CA PHE B 129 -8.52 -5.74 -24.39
C PHE B 129 -9.92 -5.43 -24.86
N ASP B 130 -9.97 -5.03 -26.13
CA ASP B 130 -11.18 -4.53 -26.79
C ASP B 130 -11.83 -5.58 -27.67
N THR B 131 -13.04 -5.99 -27.31
CA THR B 131 -13.74 -7.04 -28.06
C THR B 131 -14.82 -6.54 -29.01
N PHE B 132 -15.08 -5.25 -29.02
CA PHE B 132 -16.15 -4.75 -29.88
C PHE B 132 -15.56 -3.68 -30.79
N TYR B 133 -15.68 -3.88 -32.09
CA TYR B 133 -15.06 -2.99 -33.05
C TYR B 133 -15.94 -2.52 -34.22
N ALA B 134 -17.26 -2.58 -34.06
CA ALA B 134 -18.17 -2.15 -35.13
C ALA B 134 -17.72 -0.79 -35.66
N GLN B 135 -17.37 -0.74 -36.93
CA GLN B 135 -16.88 0.47 -37.58
C GLN B 135 -17.84 1.66 -37.64
N ASP B 136 -19.12 1.44 -37.31
CA ASP B 136 -20.07 2.54 -37.35
C ASP B 136 -20.20 3.26 -36.02
N SER B 137 -19.81 2.60 -34.93
CA SER B 137 -19.88 3.23 -33.61
C SER B 137 -18.48 3.38 -33.00
N ASN B 138 -17.64 2.37 -33.17
CA ASN B 138 -16.27 2.41 -32.65
C ASN B 138 -15.37 2.75 -33.85
N THR B 139 -15.59 3.94 -34.41
CA THR B 139 -14.87 4.38 -35.60
C THR B 139 -13.35 4.44 -35.48
N TRP B 140 -12.86 4.57 -34.25
CA TRP B 140 -11.42 4.67 -33.98
C TRP B 140 -10.71 3.32 -33.95
N ASP B 141 -11.48 2.23 -33.88
CA ASP B 141 -10.92 0.88 -33.82
C ASP B 141 -10.55 0.21 -35.13
N PRO B 142 -9.64 -0.77 -35.07
CA PRO B 142 -9.23 -1.53 -36.24
C PRO B 142 -10.43 -2.49 -36.36
N ASN B 143 -10.63 -3.14 -37.50
CA ASN B 143 -11.80 -4.00 -37.64
C ASN B 143 -11.65 -5.44 -37.19
N TYR B 144 -11.27 -5.63 -35.92
CA TYR B 144 -11.10 -6.95 -35.33
C TYR B 144 -10.83 -6.77 -33.85
N PRO B 145 -11.01 -7.83 -33.04
CA PRO B 145 -10.75 -7.69 -31.59
C PRO B 145 -9.24 -7.45 -31.46
N HIS B 146 -8.84 -6.71 -30.44
CA HIS B 146 -7.44 -6.36 -30.31
C HIS B 146 -7.01 -5.96 -28.91
N ILE B 147 -5.70 -5.97 -28.72
CA ILE B 147 -5.10 -5.50 -27.48
C ILE B 147 -4.55 -4.15 -27.94
N GLY B 148 -4.81 -3.10 -27.17
CA GLY B 148 -4.29 -1.80 -27.58
C GLY B 148 -3.60 -1.07 -26.44
N ILE B 149 -2.68 -0.18 -26.79
CA ILE B 149 -2.00 0.63 -25.78
C ILE B 149 -2.58 2.02 -26.01
N ASP B 150 -3.22 2.56 -24.99
CA ASP B 150 -3.85 3.87 -25.09
C ASP B 150 -3.10 4.92 -24.29
N VAL B 151 -2.76 6.02 -24.95
CA VAL B 151 -2.07 7.12 -24.28
C VAL B 151 -2.85 8.38 -24.57
N ASN B 152 -3.65 8.79 -23.58
CA ASN B 152 -4.46 9.99 -23.66
C ASN B 152 -5.54 10.01 -24.73
N SER B 153 -5.86 8.85 -25.29
CA SER B 153 -6.90 8.77 -26.32
C SER B 153 -7.44 7.34 -26.48
N ILE B 154 -8.71 7.22 -26.84
CA ILE B 154 -9.33 5.90 -27.04
C ILE B 154 -8.82 5.31 -28.37
N ARG B 155 -8.26 6.16 -29.24
CA ARG B 155 -7.70 5.65 -30.49
C ARG B 155 -6.29 5.22 -30.10
N SER B 156 -6.10 3.92 -29.94
CA SER B 156 -4.82 3.35 -29.52
C SER B 156 -3.60 3.78 -30.34
N VAL B 157 -2.50 4.03 -29.67
CA VAL B 157 -1.28 4.42 -30.38
CA VAL B 157 -1.29 4.42 -30.36
C VAL B 157 -0.77 3.19 -31.09
N LYS B 158 -1.21 2.01 -30.63
CA LYS B 158 -0.81 0.76 -31.24
C LYS B 158 -1.75 -0.38 -30.84
N THR B 159 -2.04 -1.27 -31.79
CA THR B 159 -2.89 -2.42 -31.51
C THR B 159 -2.28 -3.66 -32.17
N VAL B 160 -2.65 -4.83 -31.66
CA VAL B 160 -2.23 -6.10 -32.26
C VAL B 160 -3.49 -6.93 -32.25
N LYS B 161 -3.63 -7.83 -33.23
CA LYS B 161 -4.83 -8.66 -33.30
C LYS B 161 -4.86 -9.62 -32.13
N TRP B 162 -6.05 -9.83 -31.59
CA TRP B 162 -6.23 -10.68 -30.42
C TRP B 162 -7.48 -11.53 -30.59
N ASP B 163 -7.49 -12.71 -29.99
CA ASP B 163 -8.65 -13.60 -30.09
C ASP B 163 -9.38 -13.60 -28.76
N ARG B 164 -10.69 -13.32 -28.79
CA ARG B 164 -11.51 -13.34 -27.58
C ARG B 164 -11.92 -14.79 -27.42
N ARG B 165 -11.76 -15.35 -26.22
CA ARG B 165 -12.16 -16.73 -25.98
C ARG B 165 -13.09 -16.73 -24.80
N ASP B 166 -14.35 -17.06 -25.06
CA ASP B 166 -15.37 -17.04 -24.03
C ASP B 166 -15.09 -17.96 -22.85
N GLY B 167 -15.12 -17.40 -21.66
CA GLY B 167 -14.91 -18.16 -20.45
C GLY B 167 -13.50 -18.63 -20.17
N GLN B 168 -12.52 -18.21 -20.96
CA GLN B 168 -11.14 -18.63 -20.75
CA GLN B 168 -11.14 -18.62 -20.75
C GLN B 168 -10.32 -17.49 -20.16
N SER B 169 -9.54 -17.81 -19.13
CA SER B 169 -8.71 -16.79 -18.48
C SER B 169 -7.50 -16.41 -19.30
N LEU B 170 -7.25 -15.10 -19.37
CA LEU B 170 -6.08 -14.59 -20.07
C LEU B 170 -5.13 -14.08 -19.00
N ASN B 171 -3.87 -14.51 -19.04
CA ASN B 171 -2.90 -14.02 -18.06
C ASN B 171 -2.09 -12.93 -18.76
N VAL B 172 -1.94 -11.80 -18.09
CA VAL B 172 -1.26 -10.65 -18.67
C VAL B 172 -0.16 -10.12 -17.78
N LEU B 173 0.97 -9.75 -18.39
CA LEU B 173 2.06 -9.14 -17.65
C LEU B 173 2.34 -7.82 -18.37
N VAL B 174 2.21 -6.71 -17.65
CA VAL B 174 2.49 -5.39 -18.21
C VAL B 174 3.70 -4.87 -17.46
N THR B 175 4.75 -4.48 -18.17
CA THR B 175 5.98 -4.01 -17.55
CA THR B 175 5.95 -3.98 -17.51
CA THR B 175 5.96 -3.98 -17.52
C THR B 175 6.41 -2.66 -18.14
N PHE B 176 7.06 -1.83 -17.34
CA PHE B 176 7.58 -0.55 -17.80
C PHE B 176 9.01 -0.46 -17.31
N ASN B 177 9.93 -0.27 -18.24
CA ASN B 177 11.35 -0.16 -17.93
C ASN B 177 11.73 1.30 -18.18
N PRO B 178 12.04 2.06 -17.11
CA PRO B 178 12.40 3.47 -17.29
C PRO B 178 13.70 3.75 -18.06
N SER B 179 14.59 2.77 -18.16
CA SER B 179 15.84 2.96 -18.89
C SER B 179 15.61 3.05 -20.39
N THR B 180 14.73 2.20 -20.89
CA THR B 180 14.40 2.16 -22.31
C THR B 180 13.07 2.88 -22.59
N ARG B 181 12.31 3.12 -21.52
CA ARG B 181 11.01 3.77 -21.61
C ARG B 181 10.02 2.89 -22.36
N ASN B 182 10.29 1.59 -22.38
CA ASN B 182 9.40 0.66 -23.05
C ASN B 182 8.30 0.11 -22.15
N LEU B 183 7.07 0.17 -22.65
CA LEU B 183 5.92 -0.36 -21.95
C LEU B 183 5.65 -1.67 -22.73
N ASP B 184 5.87 -2.81 -22.09
CA ASP B 184 5.68 -4.10 -22.77
C ASP B 184 4.46 -4.84 -22.25
N VAL B 185 3.73 -5.48 -23.16
CA VAL B 185 2.56 -6.25 -22.76
C VAL B 185 2.71 -7.66 -23.32
N VAL B 186 2.52 -8.66 -22.47
CA VAL B 186 2.58 -10.04 -22.93
C VAL B 186 1.35 -10.70 -22.34
N ALA B 187 0.52 -11.30 -23.18
CA ALA B 187 -0.70 -11.95 -22.71
C ALA B 187 -0.70 -13.39 -23.22
N THR B 188 -1.18 -14.33 -22.41
CA THR B 188 -1.21 -15.73 -22.82
CA THR B 188 -1.22 -15.72 -22.82
CA THR B 188 -1.22 -15.72 -22.82
C THR B 188 -2.49 -16.43 -22.36
N TYR B 189 -2.91 -17.43 -23.15
CA TYR B 189 -4.08 -18.23 -22.80
C TYR B 189 -3.42 -19.50 -22.25
N SER B 190 -4.18 -20.37 -21.61
CA SER B 190 -3.59 -21.57 -21.00
C SER B 190 -3.07 -22.63 -21.97
N ASP B 191 -3.34 -22.48 -23.25
CA ASP B 191 -2.85 -23.45 -24.23
C ASP B 191 -1.54 -22.94 -24.82
N GLY B 192 -1.04 -21.83 -24.27
CA GLY B 192 0.21 -21.28 -24.75
C GLY B 192 0.12 -20.21 -25.84
N THR B 193 -1.09 -19.89 -26.29
CA THR B 193 -1.25 -18.87 -27.32
C THR B 193 -0.78 -17.56 -26.68
N ARG B 194 0.06 -16.84 -27.40
CA ARG B 194 0.68 -15.63 -26.87
C ARG B 194 0.52 -14.40 -27.76
N TYR B 195 0.39 -13.24 -27.13
CA TYR B 195 0.26 -11.95 -27.82
C TYR B 195 1.27 -11.02 -27.14
N GLU B 196 1.94 -10.20 -27.94
CA GLU B 196 2.93 -9.28 -27.40
C GLU B 196 2.85 -7.95 -28.13
N VAL B 197 3.00 -6.86 -27.39
CA VAL B 197 3.00 -5.54 -27.99
C VAL B 197 3.81 -4.62 -27.10
N SER B 198 4.60 -3.74 -27.71
CA SER B 198 5.44 -2.82 -26.95
CA SER B 198 5.44 -2.82 -26.95
C SER B 198 5.34 -1.41 -27.51
N TYR B 199 5.55 -0.42 -26.65
CA TYR B 199 5.48 0.97 -27.07
C TYR B 199 6.42 1.80 -26.21
N GLU B 200 7.12 2.75 -26.84
CA GLU B 200 8.03 3.59 -26.06
C GLU B 200 7.29 4.86 -25.66
N VAL B 201 7.26 5.12 -24.36
CA VAL B 201 6.57 6.30 -23.87
C VAL B 201 7.26 6.86 -22.63
N ASP B 202 7.43 8.18 -22.60
CA ASP B 202 8.03 8.85 -21.45
C ASP B 202 6.86 9.16 -20.54
N VAL B 203 6.68 8.36 -19.51
CA VAL B 203 5.55 8.57 -18.61
C VAL B 203 5.55 9.94 -17.93
N ARG B 204 6.72 10.55 -17.78
CA ARG B 204 6.81 11.84 -17.12
C ARG B 204 6.09 12.96 -17.85
N SER B 205 5.92 12.81 -19.17
CA SER B 205 5.25 13.85 -19.94
C SER B 205 3.77 13.59 -20.10
N VAL B 206 3.29 12.47 -19.56
CA VAL B 206 1.89 12.10 -19.68
C VAL B 206 1.13 12.08 -18.35
N LEU B 207 1.82 11.66 -17.29
CA LEU B 207 1.19 11.54 -15.99
C LEU B 207 1.89 12.32 -14.88
N PRO B 208 1.15 12.64 -13.81
CA PRO B 208 1.72 13.37 -12.66
C PRO B 208 2.64 12.43 -11.88
N GLU B 209 3.41 12.98 -10.94
CA GLU B 209 4.35 12.17 -10.16
C GLU B 209 3.71 11.05 -9.36
N TRP B 210 2.51 11.31 -8.84
CA TRP B 210 1.78 10.32 -8.05
C TRP B 210 0.50 9.96 -8.82
N VAL B 211 0.22 8.67 -8.89
CA VAL B 211 -0.94 8.19 -9.63
C VAL B 211 -1.62 7.04 -8.90
N ARG B 212 -2.75 6.59 -9.44
CA ARG B 212 -3.42 5.42 -8.90
C ARG B 212 -3.51 4.45 -10.06
N VAL B 213 -3.54 3.16 -9.75
CA VAL B 213 -3.62 2.15 -10.79
C VAL B 213 -4.84 1.30 -10.55
N GLY B 214 -5.42 0.79 -11.62
CA GLY B 214 -6.62 -0.02 -11.46
C GLY B 214 -7.10 -0.58 -12.79
N PHE B 215 -8.38 -0.96 -12.82
CA PHE B 215 -8.98 -1.55 -14.00
C PHE B 215 -10.31 -0.90 -14.28
N SER B 216 -10.72 -0.93 -15.54
CA SER B 216 -11.99 -0.34 -15.93
C SER B 216 -12.59 -1.25 -16.99
N ALA B 217 -13.93 -1.31 -17.05
CA ALA B 217 -14.59 -2.11 -18.07
C ALA B 217 -15.96 -1.48 -18.29
N ALA B 218 -16.57 -1.77 -19.42
CA ALA B 218 -17.88 -1.20 -19.71
C ALA B 218 -18.59 -2.05 -20.76
N SER B 219 -19.90 -1.90 -20.82
CA SER B 219 -20.73 -2.59 -21.81
C SER B 219 -21.76 -1.55 -22.24
N GLY B 220 -21.96 -1.41 -23.55
CA GLY B 220 -22.94 -0.47 -24.07
C GLY B 220 -24.20 -1.26 -24.39
N GLU B 221 -24.62 -1.24 -25.66
CA GLU B 221 -25.82 -1.98 -26.04
C GLU B 221 -25.53 -3.49 -26.05
N GLN B 222 -24.28 -3.86 -26.33
CA GLN B 222 -23.90 -5.27 -26.30
C GLN B 222 -23.18 -5.46 -24.95
N TYR B 223 -23.09 -6.70 -24.49
CA TYR B 223 -22.53 -6.90 -23.16
C TYR B 223 -21.84 -8.23 -22.92
N GLN B 224 -21.10 -8.29 -21.81
CA GLN B 224 -20.38 -9.50 -21.40
C GLN B 224 -19.88 -9.21 -19.98
N THR B 225 -19.59 -10.24 -19.23
CA THR B 225 -19.04 -10.04 -17.88
C THR B 225 -17.55 -9.72 -18.09
N HIS B 226 -16.98 -8.92 -17.18
CA HIS B 226 -15.56 -8.60 -17.24
C HIS B 226 -15.10 -8.95 -15.84
N THR B 227 -14.56 -10.15 -15.69
CA THR B 227 -14.15 -10.67 -14.39
C THR B 227 -12.64 -10.65 -14.14
N LEU B 228 -12.22 -9.85 -13.17
CA LEU B 228 -10.80 -9.75 -12.82
C LEU B 228 -10.61 -10.82 -11.75
N GLU B 229 -9.74 -11.79 -12.05
CA GLU B 229 -9.50 -12.94 -11.19
C GLU B 229 -8.34 -12.87 -10.21
N SER B 230 -7.28 -12.16 -10.59
CA SER B 230 -6.11 -12.02 -9.72
C SER B 230 -5.32 -10.81 -10.19
N TRP B 231 -4.48 -10.27 -9.32
CA TRP B 231 -3.69 -9.10 -9.68
C TRP B 231 -2.54 -8.90 -8.71
N SER B 232 -1.34 -8.70 -9.24
CA SER B 232 -0.20 -8.40 -8.37
C SER B 232 0.47 -7.21 -9.04
N PHE B 233 1.00 -6.31 -8.22
CA PHE B 233 1.63 -5.10 -8.73
C PHE B 233 2.86 -4.74 -7.91
N THR B 234 3.89 -4.26 -8.57
CA THR B 234 5.08 -3.83 -7.88
CA THR B 234 5.12 -3.86 -7.89
CA THR B 234 5.09 -3.84 -7.88
C THR B 234 5.69 -2.65 -8.62
N SER B 235 6.20 -1.70 -7.85
CA SER B 235 6.82 -0.52 -8.45
CA SER B 235 6.79 -0.49 -8.42
C SER B 235 7.95 -0.05 -7.55
N THR B 236 9.04 0.39 -8.18
CA THR B 236 10.21 0.87 -7.45
CA THR B 236 10.21 0.87 -7.45
CA THR B 236 10.18 0.90 -7.44
C THR B 236 10.85 2.02 -8.23
N LEU B 237 11.14 3.12 -7.56
CA LEU B 237 11.77 4.26 -8.21
C LEU B 237 13.24 3.96 -8.52
N LEU B 238 13.66 4.27 -9.75
CA LEU B 238 15.03 4.03 -10.20
C LEU B 238 15.67 5.24 -10.87
N TYR B 239 16.97 5.42 -10.67
CA TYR B 239 17.69 6.52 -11.29
C TYR B 239 17.79 6.26 -12.79
N THR B 240 17.73 7.32 -13.59
CA THR B 240 17.82 7.21 -15.05
C THR B 240 18.75 8.26 -15.64
C1 MAN C . 5.80 13.97 33.33
C2 MAN C . 4.77 12.97 32.79
C3 MAN C . 5.44 11.61 32.53
C4 MAN C . 6.67 11.76 31.64
C5 MAN C . 7.61 12.81 32.27
C6 MAN C . 8.86 13.08 31.47
O1 MAN C . 6.11 13.79 34.51
O2 MAN C . 4.17 13.48 31.59
O3 MAN C . 4.51 10.73 31.91
O4 MAN C . 7.35 10.53 31.56
O5 MAN C . 6.89 14.06 32.41
O6 MAN C . 8.58 13.65 30.21
C1 NAG C . 2.78 13.54 31.61
C2 NAG C . 2.28 14.51 30.53
C3 NAG C . 0.75 14.46 30.45
C4 NAG C . 0.26 13.02 30.30
C5 NAG C . 0.84 12.14 31.40
C6 NAG C . 0.47 10.69 31.20
C7 NAG C . 3.25 16.67 29.97
C8 NAG C . 4.00 17.88 30.50
N2 NAG C . 2.69 15.87 30.87
O3 NAG C . 0.32 15.23 29.34
O4 NAG C . -1.16 13.00 30.38
O5 NAG C . 2.29 12.21 31.38
O6 NAG C . 0.71 9.91 32.37
O7 NAG C . 3.18 16.47 28.75
C1 MAN D . -24.27 1.11 -33.83
C2 MAN D . -23.71 -0.30 -34.06
C3 MAN D . -24.37 -1.29 -33.09
C4 MAN D . -24.25 -0.81 -31.65
C5 MAN D . -24.89 0.57 -31.57
C6 MAN D . -24.85 1.16 -30.17
O1 MAN D . -25.61 1.14 -34.19
O2 MAN D . -22.30 -0.30 -33.91
O3 MAN D . -23.75 -2.59 -33.20
O4 MAN D . -24.93 -1.70 -30.77
O5 MAN D . -24.18 1.49 -32.44
O6 MAN D . -23.48 1.40 -29.79
C1 MAN D . -24.55 -3.57 -33.80
C2 MAN D . -23.92 -4.94 -33.59
C3 MAN D . -22.59 -5.01 -34.33
C4 MAN D . -22.82 -4.71 -35.82
C5 MAN D . -23.52 -3.37 -36.00
C6 MAN D . -23.93 -3.13 -37.44
O2 MAN D . -24.79 -5.97 -34.12
O3 MAN D . -22.04 -6.31 -34.20
O4 MAN D . -21.59 -4.69 -36.52
O5 MAN D . -24.73 -3.31 -35.21
O6 MAN D . -24.54 -1.86 -37.61
C1 NAG D . -25.97 -6.23 -33.43
C2 NAG D . -27.04 -6.70 -34.42
C3 NAG D . -28.29 -7.19 -33.68
C4 NAG D . -27.94 -8.17 -32.55
C5 NAG D . -26.84 -7.59 -31.66
C6 NAG D . -26.40 -8.56 -30.59
C7 NAG D . -26.99 -5.58 -36.56
C8 NAG D . -27.45 -4.40 -37.40
N2 NAG D . -27.41 -5.61 -35.30
O3 NAG D . -29.16 -7.84 -34.60
O4 NAG D . -29.10 -8.42 -31.77
O5 NAG D . -25.69 -7.25 -32.46
O6 NAG D . -25.72 -9.67 -31.17
O7 NAG D . -26.26 -6.46 -37.04
C1 MAN D . -23.32 1.36 -28.40
C2 MAN D . -22.23 2.34 -27.97
C3 MAN D . -20.83 1.82 -28.37
C4 MAN D . -20.63 0.37 -27.91
C5 MAN D . -21.79 -0.51 -28.41
C6 MAN D . -21.70 -1.96 -27.93
O2 MAN D . -22.31 2.55 -26.57
O3 MAN D . -19.82 2.65 -27.82
O4 MAN D . -19.40 -0.11 -28.42
O5 MAN D . -23.03 0.04 -27.93
O6 MAN D . -21.89 -2.05 -26.52
C1 NAG D . -22.48 3.87 -26.15
C2 NAG D . -23.08 3.90 -24.75
C3 NAG D . -23.11 5.34 -24.23
C4 NAG D . -21.73 5.99 -24.35
C5 NAG D . -21.23 5.89 -25.78
C6 NAG D . -19.83 6.45 -25.94
C7 NAG D . -24.91 2.62 -23.81
C8 NAG D . -26.32 2.10 -23.99
N2 NAG D . -24.43 3.36 -24.80
O3 NAG D . -23.52 5.36 -22.87
O4 NAG D . -21.80 7.35 -23.96
O5 NAG D . -21.19 4.50 -26.19
O6 NAG D . -19.44 6.48 -27.31
O7 NAG D . -24.29 2.36 -22.78
MN MN E . 8.58 1.23 29.34
CA CA F . 8.81 5.31 30.32
MN MN G . -9.87 -0.32 -29.27
CA CA H . -14.00 -0.98 -29.10
#